data_3SLZ
#
_entry.id   3SLZ
#
_cell.length_a   46.483
_cell.length_b   65.546
_cell.length_c   69.732
_cell.angle_alpha   90.00
_cell.angle_beta   90.00
_cell.angle_gamma   90.00
#
_symmetry.space_group_name_H-M   'P 21 21 21'
#
loop_
_entity.id
_entity.type
_entity.pdbx_description
1 polymer 'gag-pro-pol polyprotein'
2 non-polymer 'benzyl [(1S,4S,7S,8R,9R,10S,13S,16S)-7,10-dibenzyl-8,9-dihydroxy-1,16-dimethyl-4,13-bis(1-methylethyl)-2,5,12,15,18-pentaoxo-20-phenyl-19-oxa-3,6,11,14,17-pentaazaicos-1-yl]carbamate'
3 non-polymer 'FORMIC ACID'
4 non-polymer 'SODIUM ION'
5 water water
#
_entity_poly.entity_id   1
_entity_poly.type   'polypeptide(L)'
_entity_poly.pdbx_seq_one_letter_code
;MHHHHHHTLGDQGGQGQEPPPEPRITLKVGGQPVTFLVDTGAQHSVLTQNPGPLSDKSAWVQGATGGKRYRWTTDRKVHL
ATGKVTHSFLHVPDCPYPLLGRDLLTKLKAQIHFEGSGAQVVGPMGQPLQVL
;
_entity_poly.pdbx_strand_id   A,B
#
loop_
_chem_comp.id
_chem_comp.type
_chem_comp.name
_chem_comp.formula
3TL peptide-like 'benzyl [(1S,4S,7S,8R,9R,10S,13S,16S)-7,10-dibenzyl-8,9-dihydroxy-1,16-dimethyl-4,13-bis(1-methylethyl)-2,5,12,15,18-pentaoxo-20-phenyl-19-oxa-3,6,11,14,17-pentaazaicos-1-yl]carbamate' 'C50 H64 N6 O10'
FMT non-polymer 'FORMIC ACID' 'C H2 O2'
NA non-polymer 'SODIUM ION' 'Na 1'
#
# COMPACT_ATOMS: atom_id res chain seq x y z
N GLU A 18 8.86 7.53 12.24
CA GLU A 18 8.51 6.34 13.09
C GLU A 18 7.01 6.01 13.14
N PRO A 19 6.13 6.96 13.59
CA PRO A 19 4.69 6.65 13.55
C PRO A 19 4.20 6.67 12.11
N PRO A 20 3.41 5.67 11.71
CA PRO A 20 3.06 5.65 10.27
C PRO A 20 2.02 6.71 9.90
N PRO A 21 1.99 7.14 8.64
CA PRO A 21 0.88 7.97 8.16
C PRO A 21 -0.46 7.23 8.08
N GLU A 22 -1.58 7.95 7.92
CA GLU A 22 -2.86 7.35 7.58
C GLU A 22 -2.76 6.78 6.16
N PRO A 23 -3.49 5.70 5.86
CA PRO A 23 -4.32 4.96 6.82
C PRO A 23 -3.51 4.07 7.74
N ARG A 24 -3.82 4.08 9.03
CA ARG A 24 -3.09 3.30 10.01
C ARG A 24 -4.08 2.65 10.97
N ILE A 25 -3.63 1.60 11.62
CA ILE A 25 -4.50 0.93 12.60
C ILE A 25 -3.60 0.30 13.64
N THR A 26 -4.05 0.32 14.91
CA THR A 26 -3.34 -0.37 15.99
C THR A 26 -4.04 -1.67 16.33
N LEU A 27 -3.26 -2.77 16.31
CA LEU A 27 -3.79 -4.10 16.63
C LEU A 27 -2.98 -4.71 17.73
N LYS A 28 -3.63 -5.51 18.57
CA LYS A 28 -2.85 -6.32 19.50
C LYS A 28 -2.26 -7.55 18.77
N VAL A 29 -0.94 -7.69 18.82
CA VAL A 29 -0.22 -8.73 18.17
C VAL A 29 0.72 -9.36 19.17
N GLY A 30 0.54 -10.63 19.47
CA GLY A 30 1.40 -11.27 20.49
C GLY A 30 1.32 -10.54 21.83
N GLY A 31 0.16 -10.02 22.14
CA GLY A 31 -0.11 -9.39 23.45
C GLY A 31 0.35 -7.95 23.56
N GLN A 32 0.92 -7.39 22.49
CA GLN A 32 1.37 -5.98 22.51
C GLN A 32 0.73 -5.15 21.39
N PRO A 33 0.51 -3.85 21.64
CA PRO A 33 -0.07 -3.03 20.54
C PRO A 33 0.97 -2.73 19.50
N VAL A 34 0.56 -2.90 18.25
CA VAL A 34 1.40 -2.57 17.13
C VAL A 34 0.62 -1.64 16.22
N THR A 35 1.20 -0.48 15.89
CA THR A 35 0.55 0.48 15.01
C THR A 35 1.15 0.30 13.60
N PHE A 36 0.29 -0.15 12.70
CA PHE A 36 0.64 -0.49 11.31
C PHE A 36 0.25 0.62 10.36
N LEU A 37 1.05 0.83 9.32
CA LEU A 37 0.54 1.45 8.09
C LEU A 37 -0.32 0.41 7.37
N VAL A 38 -1.57 0.73 7.07
CA VAL A 38 -2.42 -0.17 6.29
C VAL A 38 -1.92 -0.03 4.83
N ASP A 39 -1.46 -1.16 4.29
CA ASP A 39 -0.65 -1.19 3.09
C ASP A 39 -1.18 -2.16 2.07
N THR A 40 -1.99 -1.62 1.16
CA THR A 40 -2.59 -2.48 0.16
C THR A 40 -1.58 -2.94 -0.88
N GLY A 41 -0.38 -2.33 -0.86
CA GLY A 41 0.72 -2.79 -1.74
C GLY A 41 1.65 -3.83 -1.12
N ALA A 42 1.34 -4.30 0.06
CA ALA A 42 2.18 -5.30 0.71
C ALA A 42 1.50 -6.66 0.58
N GLN A 43 2.15 -7.62 -0.08
CA GLN A 43 1.58 -8.93 -0.21
C GLN A 43 1.46 -9.62 1.15
N HIS A 44 2.42 -9.37 2.04
CA HIS A 44 2.44 -9.97 3.37
C HIS A 44 2.75 -8.90 4.37
N SER A 45 2.31 -9.10 5.61
CA SER A 45 2.48 -8.11 6.65
C SER A 45 3.84 -8.20 7.30
N VAL A 46 4.25 -7.06 7.85
CA VAL A 46 5.66 -6.87 8.23
C VAL A 46 5.73 -6.29 9.66
N LEU A 47 6.59 -6.86 10.53
CA LEU A 47 7.00 -6.23 11.79
C LEU A 47 8.44 -5.72 11.65
N THR A 48 8.74 -4.65 12.36
CA THR A 48 10.05 -3.98 12.15
C THR A 48 10.97 -3.95 13.35
N GLN A 49 10.41 -3.92 14.55
CA GLN A 49 11.23 -3.81 15.77
C GLN A 49 10.58 -4.73 16.80
N ASN A 50 11.38 -5.29 17.72
CA ASN A 50 10.84 -6.26 18.69
C ASN A 50 9.78 -7.25 18.15
N PRO A 51 10.12 -8.03 17.09
CA PRO A 51 9.20 -8.94 16.43
C PRO A 51 8.89 -10.20 17.24
N GLY A 52 9.53 -10.37 18.38
CA GLY A 52 9.40 -11.64 19.12
C GLY A 52 10.26 -12.71 18.47
N PRO A 53 10.11 -13.95 18.94
CA PRO A 53 10.90 -15.04 18.45
C PRO A 53 10.81 -15.20 16.93
N LEU A 54 11.91 -15.53 16.30
CA LEU A 54 11.98 -15.68 14.83
C LEU A 54 12.06 -17.13 14.46
N SER A 55 11.51 -17.50 13.32
N SER A 55 11.36 -17.49 13.41
CA SER A 55 11.78 -18.81 12.74
CA SER A 55 11.21 -18.88 13.01
C SER A 55 13.08 -18.75 11.91
C SER A 55 12.44 -19.27 12.23
N ASP A 56 13.57 -19.90 11.47
N ASP A 56 12.50 -20.52 11.83
CA ASP A 56 14.72 -19.89 10.57
CA ASP A 56 13.60 -20.95 10.97
C ASP A 56 14.27 -19.97 9.12
C ASP A 56 13.35 -20.77 9.45
N LYS A 57 12.95 -19.97 8.92
N LYS A 57 12.32 -20.02 9.07
CA LYS A 57 12.37 -19.88 7.57
CA LYS A 57 12.02 -19.83 7.62
C LYS A 57 12.50 -18.44 7.15
C LYS A 57 12.39 -18.42 7.15
N SER A 58 12.76 -18.26 5.88
CA SER A 58 12.96 -16.92 5.32
C SER A 58 12.28 -16.82 3.98
N ALA A 59 12.24 -15.57 3.48
CA ALA A 59 11.64 -15.28 2.21
C ALA A 59 12.37 -14.17 1.53
N TRP A 60 12.33 -14.24 0.20
CA TRP A 60 12.79 -13.14 -0.61
C TRP A 60 11.71 -12.04 -0.72
N VAL A 61 12.06 -10.85 -0.31
CA VAL A 61 11.13 -9.70 -0.39
C VAL A 61 11.59 -8.79 -1.53
N GLN A 62 10.70 -8.53 -2.47
CA GLN A 62 10.93 -7.49 -3.47
C GLN A 62 10.31 -6.18 -2.96
N GLY A 63 11.15 -5.21 -2.74
CA GLY A 63 10.69 -3.83 -2.46
C GLY A 63 10.74 -2.93 -3.68
N ALA A 64 10.39 -1.67 -3.51
CA ALA A 64 10.29 -0.75 -4.66
C ALA A 64 11.65 -0.43 -5.21
N THR A 65 12.72 -0.59 -4.43
CA THR A 65 14.06 -0.15 -4.80
C THR A 65 15.06 -1.28 -4.89
N GLY A 66 14.61 -2.50 -4.68
CA GLY A 66 15.51 -3.65 -4.70
C GLY A 66 14.87 -4.81 -3.99
N GLY A 67 15.67 -5.77 -3.54
CA GLY A 67 15.14 -6.98 -2.88
C GLY A 67 16.16 -7.50 -1.90
N LYS A 68 15.71 -8.24 -0.88
CA LYS A 68 16.59 -8.84 0.14
C LYS A 68 15.83 -9.95 0.82
N ARG A 69 16.60 -10.86 1.44
CA ARG A 69 16.03 -11.97 2.17
C ARG A 69 15.76 -11.56 3.62
N TYR A 70 14.59 -11.94 4.12
CA TYR A 70 14.20 -11.64 5.52
C TYR A 70 13.62 -12.86 6.17
N ARG A 71 13.69 -12.90 7.48
CA ARG A 71 13.13 -14.03 8.23
C ARG A 71 11.65 -13.85 8.58
N TRP A 72 10.97 -14.96 8.70
CA TRP A 72 9.60 -14.99 9.23
C TRP A 72 9.60 -15.02 10.74
N THR A 73 8.67 -14.35 11.41
CA THR A 73 8.46 -14.58 12.82
C THR A 73 7.83 -15.95 13.01
N THR A 74 7.85 -16.42 14.26
CA THR A 74 6.94 -17.54 14.60
C THR A 74 5.51 -16.99 14.65
N ASP A 75 4.56 -17.85 15.03
CA ASP A 75 3.14 -17.49 14.97
C ASP A 75 2.73 -16.55 16.09
N ARG A 76 1.89 -15.56 15.78
CA ARG A 76 1.40 -14.60 16.73
C ARG A 76 -0.10 -14.61 16.71
N LYS A 77 -0.73 -14.38 17.86
CA LYS A 77 -2.16 -14.13 17.88
C LYS A 77 -2.39 -12.67 17.51
N VAL A 78 -3.29 -12.42 16.57
CA VAL A 78 -3.56 -11.09 16.06
C VAL A 78 -5.06 -10.82 16.34
N HIS A 79 -5.33 -9.77 17.09
CA HIS A 79 -6.70 -9.49 17.52
C HIS A 79 -7.45 -8.61 16.56
N LEU A 80 -7.95 -9.21 15.48
CA LEU A 80 -8.69 -8.47 14.47
C LEU A 80 -10.12 -8.22 14.93
N ALA A 81 -10.74 -7.14 14.43
CA ALA A 81 -12.10 -6.82 14.83
C ALA A 81 -13.07 -7.94 14.45
N THR A 82 -12.74 -8.68 13.39
CA THR A 82 -13.54 -9.79 12.89
C THR A 82 -13.31 -11.10 13.66
N GLY A 83 -12.35 -11.06 14.58
CA GLY A 83 -12.03 -12.21 15.43
C GLY A 83 -10.55 -12.51 15.42
N LYS A 84 -10.04 -13.00 16.53
CA LYS A 84 -8.63 -13.31 16.67
C LYS A 84 -8.23 -14.47 15.78
N VAL A 85 -7.05 -14.37 15.18
CA VAL A 85 -6.48 -15.41 14.32
C VAL A 85 -4.98 -15.50 14.61
N THR A 86 -4.35 -16.56 14.14
CA THR A 86 -2.89 -16.70 14.18
C THR A 86 -2.30 -16.23 12.86
N HIS A 87 -1.20 -15.47 12.93
CA HIS A 87 -0.50 -15.01 11.72
C HIS A 87 0.98 -14.92 11.99
N SER A 88 1.76 -15.16 10.96
CA SER A 88 3.23 -14.94 11.03
C SER A 88 3.58 -13.77 10.12
N PHE A 89 4.57 -13.03 10.53
CA PHE A 89 4.98 -11.77 9.88
C PHE A 89 6.37 -11.87 9.31
N LEU A 90 6.65 -11.09 8.27
CA LEU A 90 8.04 -10.89 7.86
C LEU A 90 8.68 -9.91 8.81
N HIS A 91 9.91 -10.20 9.28
CA HIS A 91 10.65 -9.24 10.06
C HIS A 91 11.57 -8.46 9.12
N VAL A 92 11.21 -7.21 8.92
CA VAL A 92 11.94 -6.37 7.95
C VAL A 92 12.45 -5.15 8.68
N PRO A 93 13.60 -5.28 9.35
CA PRO A 93 14.07 -4.14 10.11
C PRO A 93 14.49 -2.93 9.23
N ASP A 94 14.63 -3.11 7.91
CA ASP A 94 14.90 -1.99 7.01
C ASP A 94 13.71 -1.09 6.76
N CYS A 95 12.51 -1.55 7.13
CA CYS A 95 11.28 -0.76 7.04
C CYS A 95 11.08 0.11 8.29
N PRO A 96 10.56 1.37 8.15
CA PRO A 96 10.44 2.36 9.26
C PRO A 96 9.26 2.14 10.20
N TYR A 97 8.30 1.31 9.75
CA TYR A 97 7.16 0.97 10.59
C TYR A 97 6.49 -0.30 10.01
N PRO A 98 5.74 -0.92 10.89
CA PRO A 98 5.05 -2.15 10.52
C PRO A 98 4.01 -1.91 9.43
N LEU A 99 3.79 -2.96 8.62
CA LEU A 99 2.88 -2.88 7.49
C LEU A 99 1.83 -3.95 7.63
N LEU A 100 0.58 -3.49 7.51
CA LEU A 100 -0.56 -4.42 7.50
C LEU A 100 -0.95 -4.62 6.06
N GLY A 101 -0.61 -5.82 5.55
CA GLY A 101 -0.76 -6.07 4.10
C GLY A 101 -2.03 -6.83 3.72
N ARG A 102 -2.11 -7.21 2.46
CA ARG A 102 -3.32 -7.80 1.90
C ARG A 102 -3.65 -9.10 2.58
N ASP A 103 -2.65 -9.83 3.09
CA ASP A 103 -2.88 -11.09 3.80
C ASP A 103 -3.79 -10.92 4.99
N LEU A 104 -3.62 -9.84 5.75
CA LEU A 104 -4.50 -9.58 6.88
C LEU A 104 -5.67 -8.69 6.55
N LEU A 105 -5.57 -7.79 5.56
CA LEU A 105 -6.72 -7.00 5.16
C LEU A 105 -7.84 -7.87 4.59
N THR A 106 -7.48 -8.98 3.97
CA THR A 106 -8.47 -9.96 3.47
C THR A 106 -9.20 -10.61 4.66
N LYS A 107 -8.49 -10.93 5.74
CA LYS A 107 -9.13 -11.53 6.94
C LYS A 107 -9.99 -10.50 7.68
N LEU A 108 -9.53 -9.26 7.77
CA LEU A 108 -10.31 -8.21 8.42
C LEU A 108 -11.48 -7.73 7.56
N LYS A 109 -11.45 -8.03 6.26
CA LYS A 109 -12.45 -7.56 5.30
C LYS A 109 -12.62 -6.05 5.46
N ALA A 110 -11.49 -5.34 5.56
CA ALA A 110 -11.47 -3.92 5.79
C ALA A 110 -11.92 -3.08 4.59
N GLN A 111 -12.41 -1.89 4.89
CA GLN A 111 -12.57 -0.86 3.85
C GLN A 111 -11.70 0.28 4.30
N ILE A 112 -11.12 0.96 3.32
CA ILE A 112 -10.24 2.09 3.55
C ILE A 112 -10.84 3.25 2.78
N HIS A 113 -11.08 4.33 3.49
CA HIS A 113 -11.80 5.48 2.92
C HIS A 113 -10.93 6.70 2.90
N PHE A 114 -10.70 7.26 1.72
CA PHE A 114 -9.92 8.49 1.62
C PHE A 114 -10.87 9.67 1.73
N GLU A 115 -10.67 10.50 2.75
CA GLU A 115 -11.55 11.66 3.01
C GLU A 115 -10.77 12.79 3.69
N GLY A 116 -11.03 14.02 3.26
CA GLY A 116 -10.17 15.13 3.65
C GLY A 116 -8.77 14.87 3.12
N SER A 117 -7.77 15.11 3.98
CA SER A 117 -6.37 14.90 3.61
C SER A 117 -5.82 13.55 4.06
N GLY A 118 -6.65 12.81 4.77
CA GLY A 118 -6.24 11.53 5.32
C GLY A 118 -7.12 10.38 4.87
N ALA A 119 -7.24 9.39 5.75
CA ALA A 119 -7.79 8.12 5.33
C ALA A 119 -8.18 7.39 6.57
N GLN A 120 -9.31 6.70 6.50
CA GLN A 120 -9.76 5.95 7.66
C GLN A 120 -10.08 4.51 7.31
N VAL A 121 -9.99 3.69 8.34
CA VAL A 121 -10.20 2.25 8.22
C VAL A 121 -11.54 1.90 8.89
N VAL A 122 -12.36 1.14 8.16
CA VAL A 122 -13.68 0.67 8.63
C VAL A 122 -13.81 -0.86 8.42
N GLY A 123 -14.71 -1.52 9.15
CA GLY A 123 -14.81 -2.97 9.10
C GLY A 123 -15.78 -3.42 8.02
N PRO A 124 -16.01 -4.74 7.91
CA PRO A 124 -16.74 -5.28 6.74
C PRO A 124 -18.18 -4.82 6.68
N MET A 125 -18.71 -4.42 7.83
CA MET A 125 -20.10 -3.98 7.90
C MET A 125 -20.21 -2.48 8.12
N GLY A 126 -19.14 -1.78 7.75
CA GLY A 126 -19.11 -0.32 7.76
C GLY A 126 -18.89 0.34 9.10
N GLN A 127 -18.62 -0.43 10.15
CA GLN A 127 -18.33 0.13 11.46
C GLN A 127 -16.95 0.80 11.42
N PRO A 128 -16.81 2.06 11.88
CA PRO A 128 -15.44 2.56 11.92
C PRO A 128 -14.59 1.72 12.86
N LEU A 129 -13.33 1.50 12.50
CA LEU A 129 -12.39 0.77 13.36
C LEU A 129 -11.47 1.70 14.11
N GLN A 130 -11.80 2.99 14.10
CA GLN A 130 -10.96 3.99 14.74
C GLN A 130 -11.65 5.34 14.76
N VAL A 131 -10.96 6.29 15.41
CA VAL A 131 -11.12 7.76 15.31
C VAL A 131 -11.43 8.46 16.62
N GLU B 18 -0.08 -9.22 -18.14
CA GLU B 18 -0.21 -9.65 -16.72
C GLU B 18 -0.49 -8.44 -15.81
N PRO B 19 -1.68 -8.40 -15.18
CA PRO B 19 -1.99 -7.22 -14.38
C PRO B 19 -1.38 -7.26 -12.98
N PRO B 20 -1.22 -6.09 -12.36
CA PRO B 20 -0.87 -6.12 -10.93
C PRO B 20 -1.96 -6.81 -10.13
N PRO B 21 -1.67 -7.17 -8.89
CA PRO B 21 -2.72 -7.72 -8.06
C PRO B 21 -3.81 -6.72 -7.76
N GLU B 22 -4.95 -7.24 -7.35
CA GLU B 22 -5.97 -6.39 -6.75
C GLU B 22 -5.48 -5.90 -5.39
N PRO B 23 -5.91 -4.71 -4.97
CA PRO B 23 -6.81 -3.77 -5.69
C PRO B 23 -6.06 -3.08 -6.80
N ARG B 24 -6.69 -2.93 -7.96
CA ARG B 24 -6.07 -2.24 -9.10
C ARG B 24 -7.03 -1.34 -9.77
N ILE B 25 -6.51 -0.41 -10.54
CA ILE B 25 -7.35 0.55 -11.28
C ILE B 25 -6.61 1.04 -12.52
N THR B 26 -7.34 1.30 -13.58
CA THR B 26 -6.77 1.82 -14.81
C THR B 26 -7.18 3.25 -15.01
N LEU B 27 -6.20 4.14 -15.14
CA LEU B 27 -6.39 5.57 -15.40
C LEU B 27 -5.67 5.98 -16.65
N LYS B 28 -6.18 6.98 -17.34
CA LYS B 28 -5.45 7.52 -18.50
C LYS B 28 -4.41 8.52 -18.00
N VAL B 29 -3.18 8.29 -18.45
CA VAL B 29 -2.05 9.14 -18.07
C VAL B 29 -1.38 9.54 -19.39
N GLY B 30 -1.26 10.85 -19.64
CA GLY B 30 -0.69 11.32 -20.91
C GLY B 30 -1.46 10.86 -22.11
N GLY B 31 -2.71 10.50 -21.89
CA GLY B 31 -3.59 10.13 -22.97
C GLY B 31 -3.83 8.65 -23.13
N GLN B 32 -3.11 7.80 -22.39
CA GLN B 32 -3.23 6.37 -22.57
C GLN B 32 -3.38 5.64 -21.23
N PRO B 33 -4.08 4.50 -21.22
CA PRO B 33 -4.34 3.84 -19.92
C PRO B 33 -3.12 3.22 -19.31
N VAL B 34 -3.05 3.35 -17.98
CA VAL B 34 -2.06 2.68 -17.14
C VAL B 34 -2.82 1.94 -16.06
N THR B 35 -2.48 0.66 -15.90
CA THR B 35 -3.10 -0.13 -14.82
C THR B 35 -2.18 -0.14 -13.64
N PHE B 36 -2.66 0.46 -12.55
CA PHE B 36 -1.89 0.59 -11.32
C PHE B 36 -2.31 -0.41 -10.26
N LEU B 37 -1.36 -0.85 -9.43
CA LEU B 37 -1.69 -1.41 -8.12
C LEU B 37 -2.09 -0.24 -7.24
N VAL B 38 -3.26 -0.28 -6.64
CA VAL B 38 -3.73 0.74 -5.72
C VAL B 38 -3.00 0.49 -4.41
N ASP B 39 -2.15 1.46 -4.00
CA ASP B 39 -1.15 1.24 -2.98
C ASP B 39 -1.23 2.28 -1.89
N THR B 40 -1.90 1.96 -0.81
CA THR B 40 -2.00 2.86 0.32
C THR B 40 -0.68 3.04 1.04
N GLY B 41 0.31 2.19 0.77
CA GLY B 41 1.66 2.31 1.36
C GLY B 41 2.59 3.21 0.52
N ALA B 42 2.12 3.77 -0.58
CA ALA B 42 2.99 4.64 -1.44
C ALA B 42 2.62 6.11 -1.12
N GLN B 43 3.64 6.87 -0.73
CA GLN B 43 3.42 8.26 -0.46
C GLN B 43 3.09 9.04 -1.74
N HIS B 44 3.65 8.63 -2.88
CA HIS B 44 3.38 9.25 -4.14
C HIS B 44 3.32 8.14 -5.22
N SER B 45 2.66 8.47 -6.32
CA SER B 45 2.43 7.52 -7.39
C SER B 45 3.65 7.31 -8.27
N VAL B 46 3.72 6.13 -8.83
CA VAL B 46 4.91 5.60 -9.50
C VAL B 46 4.58 5.03 -10.86
N LEU B 47 5.40 5.41 -11.84
CA LEU B 47 5.45 4.76 -13.16
C LEU B 47 6.72 3.96 -13.23
N THR B 48 6.80 2.96 -14.13
CA THR B 48 7.93 2.06 -14.14
C THR B 48 8.59 1.84 -15.51
N GLN B 49 7.91 2.20 -16.59
CA GLN B 49 8.40 1.82 -17.90
C GLN B 49 8.04 2.83 -18.97
N ASN B 50 9.06 3.26 -19.74
CA ASN B 50 8.85 4.24 -20.83
C ASN B 50 7.95 5.36 -20.35
N PRO B 51 8.41 6.05 -19.30
CA PRO B 51 7.61 7.02 -18.64
C PRO B 51 7.34 8.40 -19.35
N GLY B 52 8.02 8.66 -20.47
CA GLY B 52 7.91 9.94 -21.15
C GLY B 52 8.94 10.87 -20.57
N PRO B 53 8.83 12.16 -20.92
CA PRO B 53 9.85 13.12 -20.53
C PRO B 53 10.03 13.18 -19.00
N LEU B 54 11.29 13.25 -18.61
CA LEU B 54 11.70 13.32 -17.20
C LEU B 54 12.10 14.74 -16.83
N SER B 55 11.76 15.18 -15.63
CA SER B 55 12.33 16.39 -15.02
C SER B 55 13.83 16.19 -14.77
N ASP B 56 14.53 17.32 -14.55
CA ASP B 56 15.88 17.19 -14.02
C ASP B 56 15.87 16.87 -12.53
N LYS B 57 14.70 17.00 -11.88
CA LYS B 57 14.58 16.80 -10.42
C LYS B 57 14.43 15.33 -10.07
N SER B 58 14.91 14.96 -8.89
CA SER B 58 14.78 13.60 -8.40
C SER B 58 14.29 13.65 -6.98
N ALA B 59 13.84 12.49 -6.49
CA ALA B 59 13.45 12.27 -5.10
C ALA B 59 14.21 11.11 -4.54
N TRP B 60 14.46 11.17 -3.23
CA TRP B 60 14.89 10.01 -2.51
C TRP B 60 13.66 9.13 -2.20
N VAL B 61 13.74 7.88 -2.63
CA VAL B 61 12.65 6.93 -2.38
C VAL B 61 13.12 5.87 -1.41
N GLN B 62 12.41 5.75 -0.29
CA GLN B 62 12.66 4.68 0.67
C GLN B 62 11.69 3.56 0.42
N GLY B 63 12.22 2.39 0.11
CA GLY B 63 11.41 1.18 -0.04
C GLY B 63 11.59 0.28 1.17
N ALA B 64 10.97 -0.89 1.10
CA ALA B 64 11.01 -1.82 2.23
C ALA B 64 12.41 -2.31 2.49
N THR B 65 13.30 -2.34 1.49
CA THR B 65 14.60 -3.02 1.58
C THR B 65 15.75 -2.07 1.49
N GLY B 66 15.48 -0.78 1.29
CA GLY B 66 16.55 0.17 1.07
C GLY B 66 16.04 1.43 0.40
N GLY B 67 16.93 2.37 0.11
CA GLY B 67 16.53 3.65 -0.51
C GLY B 67 17.53 4.08 -1.55
N LYS B 68 17.07 4.82 -2.55
CA LYS B 68 17.94 5.56 -3.48
C LYS B 68 17.07 6.52 -4.26
N ARG B 69 17.69 7.31 -5.13
CA ARG B 69 17.00 8.38 -5.81
C ARG B 69 16.44 7.89 -7.17
N TYR B 70 15.32 8.49 -7.51
CA TYR B 70 14.67 8.25 -8.78
C TYR B 70 14.19 9.55 -9.32
N ARG B 71 14.13 9.64 -10.66
CA ARG B 71 13.69 10.87 -11.29
C ARG B 71 12.20 11.13 -11.30
N TRP B 72 11.79 12.35 -11.15
CA TRP B 72 10.43 12.81 -11.39
C TRP B 72 10.12 12.89 -12.87
N THR B 73 8.93 12.50 -13.28
CA THR B 73 8.45 12.85 -14.60
C THR B 73 8.16 14.34 -14.64
N THR B 74 8.12 14.88 -15.84
CA THR B 74 7.47 16.18 -16.01
C THR B 74 5.96 15.99 -15.77
N ASP B 75 5.21 17.07 -15.77
CA ASP B 75 3.81 16.98 -15.55
C ASP B 75 3.07 16.13 -16.62
N ARG B 76 2.07 15.41 -16.15
CA ARG B 76 1.18 14.61 -17.00
C ARG B 76 -0.26 14.96 -16.77
N LYS B 77 -1.05 14.96 -17.82
CA LYS B 77 -2.48 15.01 -17.68
C LYS B 77 -3.01 13.67 -17.24
N VAL B 78 -3.76 13.64 -16.14
CA VAL B 78 -4.30 12.40 -15.60
C VAL B 78 -5.81 12.56 -15.52
N HIS B 79 -6.52 11.61 -16.11
CA HIS B 79 -7.99 11.63 -16.11
C HIS B 79 -8.47 10.95 -14.84
N LEU B 80 -9.04 11.74 -13.94
CA LEU B 80 -9.71 11.17 -12.77
C LEU B 80 -11.24 11.09 -13.04
N ALA B 81 -12.03 10.78 -12.01
CA ALA B 81 -13.48 10.61 -12.20
C ALA B 81 -14.16 11.95 -12.46
N THR B 82 -13.84 12.93 -11.63
CA THR B 82 -14.36 14.28 -11.79
C THR B 82 -13.20 15.20 -12.19
N GLY B 83 -12.88 15.16 -13.48
CA GLY B 83 -11.94 16.08 -14.11
C GLY B 83 -10.56 15.50 -14.43
N LYS B 84 -9.83 16.23 -15.27
CA LYS B 84 -8.40 16.01 -15.45
C LYS B 84 -7.64 16.76 -14.38
N VAL B 85 -6.44 16.28 -14.06
CA VAL B 85 -5.53 16.95 -13.16
C VAL B 85 -4.17 16.91 -13.84
N THR B 86 -3.28 17.82 -13.46
CA THR B 86 -1.89 17.78 -13.87
C THR B 86 -1.12 17.20 -12.67
N HIS B 87 -0.34 16.15 -12.89
CA HIS B 87 0.33 15.45 -11.79
C HIS B 87 1.64 14.91 -12.29
N SER B 88 2.60 14.79 -11.39
CA SER B 88 3.87 14.19 -11.73
CA SER B 88 3.88 14.20 -11.71
C SER B 88 4.03 12.86 -11.00
N PHE B 89 4.87 12.01 -11.56
CA PHE B 89 5.08 10.66 -11.03
C PHE B 89 6.52 10.39 -10.77
N LEU B 90 6.85 9.54 -9.83
CA LEU B 90 8.19 8.98 -9.71
C LEU B 90 8.42 7.96 -10.77
N HIS B 91 9.56 7.95 -11.43
CA HIS B 91 9.86 6.90 -12.34
C HIS B 91 10.75 5.92 -11.61
N VAL B 92 10.25 4.72 -11.28
CA VAL B 92 10.96 3.77 -10.46
C VAL B 92 11.03 2.44 -11.23
N PRO B 93 12.07 2.24 -12.06
CA PRO B 93 12.12 1.04 -12.89
C PRO B 93 12.40 -0.22 -12.09
N ASP B 94 12.75 -0.08 -10.80
CA ASP B 94 12.94 -1.24 -9.92
C ASP B 94 11.61 -1.78 -9.39
N CYS B 95 10.51 -1.05 -9.65
CA CYS B 95 9.21 -1.52 -9.19
C CYS B 95 8.57 -2.39 -10.26
N PRO B 96 7.89 -3.48 -9.89
CA PRO B 96 7.33 -4.38 -10.90
C PRO B 96 6.12 -3.86 -11.66
N TYR B 97 5.39 -2.93 -11.06
CA TYR B 97 4.27 -2.33 -11.78
C TYR B 97 4.03 -0.93 -11.22
N PRO B 98 3.24 -0.15 -11.93
CA PRO B 98 2.92 1.20 -11.48
C PRO B 98 2.13 1.14 -10.21
N LEU B 99 2.26 2.20 -9.41
CA LEU B 99 1.63 2.23 -8.06
C LEU B 99 0.82 3.50 -7.99
N LEU B 100 -0.47 3.39 -7.62
CA LEU B 100 -1.30 4.57 -7.42
CA LEU B 100 -1.36 4.55 -7.41
C LEU B 100 -1.36 4.80 -5.93
N GLY B 101 -0.68 5.87 -5.49
CA GLY B 101 -0.47 6.06 -4.08
C GLY B 101 -1.46 7.02 -3.43
N ARG B 102 -1.10 7.42 -2.22
CA ARG B 102 -2.01 8.24 -1.37
C ARG B 102 -2.19 9.62 -1.98
N ASP B 103 -1.21 10.12 -2.75
CA ASP B 103 -1.35 11.36 -3.47
C ASP B 103 -2.61 11.33 -4.33
N LEU B 104 -2.81 10.30 -5.13
CA LEU B 104 -3.93 10.29 -6.05
C LEU B 104 -5.16 9.67 -5.43
N LEU B 105 -5.01 8.81 -4.44
CA LEU B 105 -6.19 8.28 -3.74
C LEU B 105 -6.93 9.40 -3.02
N THR B 106 -6.18 10.38 -2.51
CA THR B 106 -6.83 11.56 -1.90
C THR B 106 -7.58 12.35 -2.95
N LYS B 107 -7.00 12.53 -4.13
CA LYS B 107 -7.73 13.31 -5.17
C LYS B 107 -8.96 12.58 -5.69
N LEU B 108 -8.91 11.26 -5.74
CA LEU B 108 -10.05 10.45 -6.17
C LEU B 108 -11.10 10.29 -5.08
N LYS B 109 -10.72 10.59 -3.85
CA LYS B 109 -11.54 10.26 -2.66
C LYS B 109 -11.99 8.81 -2.73
N ALA B 110 -11.05 7.93 -3.04
CA ALA B 110 -11.32 6.53 -3.28
C ALA B 110 -11.64 5.80 -1.97
N GLN B 111 -12.41 4.74 -2.15
CA GLN B 111 -12.60 3.72 -1.10
C GLN B 111 -12.05 2.42 -1.63
N ILE B 112 -11.36 1.69 -0.77
CA ILE B 112 -10.88 0.38 -1.12
C ILE B 112 -11.56 -0.64 -0.22
N HIS B 113 -12.16 -1.65 -0.83
CA HIS B 113 -12.98 -2.65 -0.12
C HIS B 113 -12.42 -4.03 -0.26
N PHE B 114 -12.14 -4.71 0.87
CA PHE B 114 -11.73 -6.11 0.86
C PHE B 114 -12.87 -7.07 1.30
N GLU B 115 -13.97 -6.52 1.76
CA GLU B 115 -15.13 -7.30 2.29
C GLU B 115 -16.01 -7.93 1.20
N GLY B 116 -15.81 -7.50 -0.05
CA GLY B 116 -16.46 -8.14 -1.20
C GLY B 116 -15.55 -9.20 -1.81
N SER B 117 -15.82 -9.56 -3.07
CA SER B 117 -14.98 -10.52 -3.80
C SER B 117 -13.69 -9.82 -4.24
N GLY B 118 -12.55 -10.34 -3.79
CA GLY B 118 -11.23 -9.73 -4.07
C GLY B 118 -11.05 -8.42 -3.32
N ALA B 119 -10.27 -7.50 -3.90
CA ALA B 119 -10.29 -6.14 -3.41
C ALA B 119 -10.68 -5.22 -4.53
N GLN B 120 -11.57 -4.29 -4.21
CA GLN B 120 -12.21 -3.42 -5.19
C GLN B 120 -12.00 -2.01 -4.82
N VAL B 121 -11.95 -1.14 -5.83
CA VAL B 121 -11.69 0.28 -5.60
C VAL B 121 -12.87 1.02 -6.22
N VAL B 122 -13.46 1.87 -5.40
CA VAL B 122 -14.63 2.67 -5.81
C VAL B 122 -14.44 4.11 -5.42
N GLY B 123 -15.37 4.97 -5.88
CA GLY B 123 -15.32 6.37 -5.52
C GLY B 123 -15.93 6.73 -4.18
N PRO B 124 -16.00 8.04 -3.88
CA PRO B 124 -16.41 8.52 -2.56
C PRO B 124 -17.82 8.14 -2.15
N MET B 125 -18.67 7.80 -3.10
CA MET B 125 -19.99 7.29 -2.75
C MET B 125 -20.25 5.87 -3.20
N GLY B 126 -19.18 5.11 -3.32
CA GLY B 126 -19.33 3.67 -3.50
C GLY B 126 -19.42 3.30 -4.97
N GLN B 127 -19.29 4.32 -5.81
CA GLN B 127 -19.44 4.19 -7.25
C GLN B 127 -18.16 3.70 -7.90
N PRO B 128 -18.24 2.66 -8.73
CA PRO B 128 -17.13 2.36 -9.61
C PRO B 128 -16.76 3.67 -10.28
N LEU B 129 -15.50 4.04 -10.12
CA LEU B 129 -15.00 5.32 -10.61
C LEU B 129 -15.20 5.44 -12.11
N GLN B 130 -16.14 6.30 -12.50
CA GLN B 130 -16.33 6.69 -13.90
C GLN B 130 -15.18 7.61 -14.29
N VAL B 131 -14.08 6.97 -14.71
CA VAL B 131 -12.75 7.58 -14.75
C VAL B 131 -12.21 7.79 -16.17
C31 3TL C . 6.90 -9.85 -1.93
C31 3TL C . 8.83 7.74 -0.25
O8 3TL C . 8.05 -9.54 -1.80
O8 3TL C . 9.61 7.03 -0.88
O9 3TL C . 6.58 -11.10 -1.55
O9 3TL C . 8.54 8.98 -0.73
CA 3TL C . 6.88 -11.59 -0.22
CA 3TL C . 9.14 9.40 -1.97
C 3TL C . 6.57 -13.05 -0.08
C 3TL C . 8.63 10.77 -2.19
C13 3TL C . 7.05 -13.74 1.03
C13 3TL C . 7.28 11.00 -2.28
C14 3TL C . 6.76 -15.12 1.15
C14 3TL C . 6.83 12.32 -2.39
C15 3TL C . 6.02 -15.80 0.18
C15 3TL C . 7.69 13.41 -2.42
C16 3TL C . 5.55 -15.11 -0.93
C16 3TL C . 9.05 13.17 -2.29
C17 3TL C . 5.83 -13.75 -1.03
C17 3TL C . 9.49 11.86 -2.16
N4 3TL C . 6.00 -9.22 -2.68
N4 3TL C . 8.38 7.46 0.96
C18 3TL C . 6.18 -7.98 -3.12
C18 3TL C . 8.07 6.29 1.44
C19 3TL C . 5.60 -7.01 -2.13
C19 3TL C . 7.29 5.47 0.44
O4 3TL C . 4.33 -7.06 -1.88
O4 3TL C . 6.08 5.84 0.00
C20 3TL C . 5.38 -7.89 -4.39
C20 3TL C . 7.35 6.44 2.75
N2 3TL C . 6.40 -6.16 -1.56
N2 3TL C . 7.78 4.35 0.10
C10 3TL C . 6.06 -5.19 -0.53
C10 3TL C . 7.07 3.46 -0.79
C11 3TL C . 6.31 -3.83 -1.09
C11 3TL C . 7.13 2.05 -0.24
O2 3TL C . 7.50 -3.37 -0.89
O2 3TL C . 8.14 1.31 -0.55
C12 3TL C . 6.78 -5.52 0.77
C12 3TL C . 7.48 3.59 -2.25
CG2 3TL C . 6.50 -6.96 1.27
CG2 3TL C . 7.29 5.02 -2.81
CG1 3TL C . 6.42 -4.50 1.86
CG1 3TL C . 6.77 2.55 -3.13
C2 3TL C . 4.62 -0.77 -1.70
C2 3TL C . 5.03 -0.51 0.75
O1 3TL C . 3.38 -1.15 -2.23
O1 3TL C . 4.03 0.13 1.51
C1 3TL C . 5.65 -1.73 -2.21
C1 3TL C . 6.33 0.19 1.03
N1 3TL C . 5.37 -3.10 -1.65
N1 3TL C . 6.22 1.55 0.51
C3 3TL C . 5.58 -1.60 -3.74
C3 3TL C . 6.61 0.16 2.55
C4 3TL C . 6.05 -2.83 -4.42
C4 3TL C . 7.53 1.22 3.07
C5 3TL C . 7.43 -3.02 -4.48
C5 3TL C . 8.90 1.14 2.79
C9 3TL C . 5.14 -3.74 -4.95
C9 3TL C . 7.03 2.27 3.83
C6 3TL C . 7.94 -4.16 -5.08
C6 3TL C . 9.79 2.10 3.26
C8 3TL C . 5.65 -4.88 -5.56
C8 3TL C . 7.91 3.24 4.28
C7 3TL C . 7.04 -5.09 -5.60
C7 3TL C . 9.27 3.16 3.99
N51 3TL C . 5.86 1.49 -0.02
N51 3TL C . 5.47 -3.00 -1.01
C51 3TL C . 5.70 0.11 0.40
C51 3TL C . 5.53 -1.62 -1.45
C52 3TL C . 4.55 -0.67 -0.23
C52 3TL C . 4.63 -0.71 -0.68
O51 3TL C . 3.28 -0.06 -0.04
O51 3TL C . 3.29 -1.23 -0.74
C53 3TL C . 5.39 0.06 1.86
C53 3TL C . 4.93 -1.51 -2.84
C54 3TL C . 6.42 0.82 2.56
C54 3TL C . 5.61 -2.42 -3.76
C55 3TL C . 6.06 1.98 3.22
C55 3TL C . 4.89 -3.37 -4.42
C59 3TL C . 7.75 0.40 2.50
C59 3TL C . 6.97 -2.31 -3.94
C56 3TL C . 7.07 2.71 3.87
C56 3TL C . 5.54 -4.23 -5.29
C58 3TL C . 8.77 1.13 3.13
C58 3TL C . 7.66 -3.17 -4.78
C57 3TL C . 8.41 2.30 3.81
C57 3TL C . 6.93 -4.15 -5.44
N52 3TL C . 7.74 4.31 -0.08
N52 3TL C . 6.59 -6.09 -1.41
C60 3TL C . 6.85 3.53 -0.92
C60 3TL C . 6.27 -5.20 -0.30
C61 3TL C . 6.86 2.06 -0.53
C61 3TL C . 6.46 -3.79 -0.75
O52 3TL C . 7.95 1.37 -0.81
O52 3TL C . 7.69 -3.38 -0.83
C62 3TL C . 7.20 3.79 -2.39
C62 3TL C . 7.04 -5.63 0.94
CG6 3TL C . 6.57 2.83 -3.41
CG6 3TL C . 6.75 -4.73 2.14
CG5 3TL C . 7.13 5.26 -2.89
CG5 3TL C . 6.63 -7.06 1.35
N54 3TL C . 8.19 7.37 1.07
N54 3TL C . 6.18 -9.28 -2.62
C68 3TL C . 8.18 6.18 1.46
C68 3TL C . 6.23 -8.03 -2.97
C69 3TL C . 7.38 5.35 0.55
C69 3TL C . 5.88 -7.06 -1.87
O54 3TL C . 6.10 5.69 0.47
O54 3TL C . 4.72 -7.30 -1.33
C70 3TL C . 7.91 6.06 2.96
C70 3TL C . 5.37 -7.80 -4.18
C81 3TL C . 9.10 7.94 0.33
C81 3TL C . 6.97 -9.80 -1.69
O58 3TL C . 10.03 7.26 -0.16
O58 3TL C . 7.98 -9.17 -1.38
O59 3TL C . 8.88 9.15 -0.11
O59 3TL C . 6.58 -10.80 -0.95
CA5 3TL C . 8.98 9.46 -1.53
CA5 3TL C . 7.43 -11.78 -0.31
C50 3TL C . 8.64 10.87 -1.92
C50 3TL C . 7.01 -13.24 -0.33
C63 3TL C . 9.58 11.91 -1.95
C63 3TL C . 6.86 -14.05 0.79
C64 3TL C . 9.22 13.20 -2.31
C64 3TL C . 6.45 -15.39 0.65
C65 3TL C . 7.87 13.47 -2.63
C65 3TL C . 6.18 -15.94 -0.60
C66 3TL C . 6.91 12.44 -2.58
C66 3TL C . 6.33 -15.15 -1.74
C67 3TL C . 7.31 11.16 -2.23
C67 3TL C . 6.74 -13.82 -1.58
C FMT D . 0.83 -15.98 8.06
O1 FMT D . 1.85 -15.61 7.45
O2 FMT D . 0.79 -16.95 8.83
C FMT E . 5.81 -19.51 11.84
O1 FMT E . 6.51 -19.07 10.91
O2 FMT E . 6.03 -20.61 12.40
C FMT F . 2.07 16.31 -8.31
C FMT F . 2.44 16.02 -8.21
O1 FMT F . 2.18 17.22 -9.13
O1 FMT F . 1.73 16.55 -7.37
O2 FMT F . 2.74 15.27 -8.38
O2 FMT F . 2.72 16.53 -9.30
C FMT G . -11.45 -13.23 -1.28
O1 FMT G . -12.39 -12.64 -1.80
O2 FMT G . -10.31 -13.26 -1.75
C FMT H . 4.42 1.74 -16.36
O1 FMT H . 4.92 2.85 -16.26
O2 FMT H . 4.73 0.64 -15.84
C FMT I . 11.14 10.35 1.10
O1 FMT I . 11.95 11.05 0.41
O2 FMT I . 10.36 10.80 1.98
NA NA J . -12.50 -9.79 -0.33
#